data_4YDF
#
_entry.id   4YDF
#
_cell.length_a   77.350
_cell.length_b   77.350
_cell.length_c   160.050
_cell.angle_alpha   90.00
_cell.angle_beta   90.00
_cell.angle_gamma   120.00
#
_symmetry.space_group_name_H-M   'P 63 2 2'
#
loop_
_entity.id
_entity.type
_entity.pdbx_description
1 polymer 'HTLV-1 Protease'
2 non-polymer N-benzyl-N-[(3S,4S)-4-{benzyl[(4-nitrophenyl)sulfonyl]amino}pyrrolidin-3-yl]-3-nitrobenzenesulfonamide
3 non-polymer 'SULFATE ION'
4 water water
#
_entity_poly.entity_id   1
_entity_poly.type   'polypeptide(L)'
_entity_poly.pdbx_seq_one_letter_code
;PVIPLDPARRPVIKAQVDTQTSHPKTIEALLDTGADMTVIPIALFSSNTPLKNTSVLGAGGQTQDHFKLTSLPVLIRLPF
RTTPIVLTSCLVDTKNNWAIIGRDALQQCQGVLYLP
;
_entity_poly.pdbx_strand_id   A,B
#
loop_
_chem_comp.id
_chem_comp.type
_chem_comp.name
_chem_comp.formula
4B1 non-polymer N-benzyl-N-[(3S,4S)-4-{benzyl[(4-nitrophenyl)sulfonyl]amino}pyrrolidin-3-yl]-3-nitrobenzenesulfonamide 'C30 H29 N5 O8 S2'
SO4 non-polymer 'SULFATE ION' 'O4 S -2'
#
# COMPACT_ATOMS: atom_id res chain seq x y z
N PRO A 1 -6.88 7.02 -17.17
CA PRO A 1 -7.24 8.22 -16.40
C PRO A 1 -6.19 8.57 -15.36
N VAL A 2 -6.20 9.84 -14.93
CA VAL A 2 -5.30 10.29 -13.86
C VAL A 2 -6.04 10.26 -12.53
N ILE A 3 -5.52 9.47 -11.59
CA ILE A 3 -6.17 9.29 -10.29
C ILE A 3 -5.46 10.07 -9.20
N PRO A 4 -6.12 11.11 -8.69
CA PRO A 4 -5.59 11.95 -7.61
C PRO A 4 -5.38 11.15 -6.33
N LEU A 5 -4.38 11.53 -5.54
CA LEU A 5 -4.11 10.85 -4.29
C LEU A 5 -4.66 11.64 -3.11
N ASP A 6 -5.59 11.01 -2.39
CA ASP A 6 -6.35 11.69 -1.35
C ASP A 6 -6.46 10.78 -0.13
N PRO A 7 -5.99 11.26 1.04
CA PRO A 7 -6.06 10.49 2.28
C PRO A 7 -7.51 10.21 2.71
N ALA A 8 -8.44 11.05 2.27
CA ALA A 8 -9.84 10.89 2.64
C ALA A 8 -10.61 10.06 1.61
N ARG A 9 -10.03 9.91 0.43
CA ARG A 9 -10.67 9.18 -0.66
C ARG A 9 -9.71 8.18 -1.30
N ARG A 10 -9.88 6.90 -0.94
CA ARG A 10 -9.00 5.84 -1.43
C ARG A 10 -9.09 5.66 -2.95
N PRO A 11 -7.92 5.44 -3.59
CA PRO A 11 -7.85 5.22 -5.04
C PRO A 11 -8.39 3.85 -5.42
N VAL A 12 -9.70 3.76 -5.66
CA VAL A 12 -10.33 2.50 -5.99
C VAL A 12 -10.61 2.37 -7.48
N ILE A 13 -10.90 1.16 -7.93
CA ILE A 13 -11.23 0.91 -9.33
C ILE A 13 -12.11 -0.34 -9.44
N LYS A 14 -13.00 -0.35 -10.43
CA LYS A 14 -13.85 -1.50 -10.68
C LYS A 14 -13.18 -2.43 -11.68
N ALA A 15 -12.88 -3.65 -11.24
CA ALA A 15 -12.15 -4.60 -12.08
C ALA A 15 -12.80 -5.99 -12.08
N GLN A 16 -12.88 -6.59 -13.27
CA GLN A 16 -13.39 -7.94 -13.40
C GLN A 16 -12.30 -8.95 -13.08
N VAL A 17 -12.52 -9.79 -12.07
CA VAL A 17 -11.54 -10.77 -11.66
C VAL A 17 -11.92 -12.18 -12.08
N ASP A 18 -11.14 -12.76 -12.99
CA ASP A 18 -11.33 -14.13 -13.40
C ASP A 18 -10.35 -15.02 -12.64
N THR A 19 -10.89 -15.85 -11.76
CA THR A 19 -10.06 -16.74 -10.95
C THR A 19 -9.96 -18.13 -11.57
N GLN A 20 -10.71 -18.33 -12.65
CA GLN A 20 -10.77 -19.62 -13.35
C GLN A 20 -11.18 -20.76 -12.41
N THR A 21 -12.01 -20.42 -11.42
CA THR A 21 -12.54 -21.40 -10.49
C THR A 21 -14.05 -21.27 -10.46
N SER A 22 -14.53 -20.10 -10.88
CA SER A 22 -15.95 -19.83 -11.03
C SER A 22 -16.13 -18.78 -12.12
N HIS A 23 -17.26 -18.08 -12.09
CA HIS A 23 -17.53 -17.05 -13.09
C HIS A 23 -16.81 -15.74 -12.74
N PRO A 24 -16.28 -15.05 -13.77
CA PRO A 24 -15.59 -13.77 -13.60
C PRO A 24 -16.49 -12.75 -12.92
N LYS A 25 -15.95 -12.03 -11.94
CA LYS A 25 -16.75 -11.12 -11.14
C LYS A 25 -16.13 -9.71 -11.09
N THR A 26 -16.97 -8.70 -11.30
CA THR A 26 -16.53 -7.31 -11.18
C THR A 26 -16.60 -6.87 -9.73
N ILE A 27 -15.45 -6.47 -9.18
CA ILE A 27 -15.37 -6.04 -7.79
C ILE A 27 -14.64 -4.70 -7.68
N GLU A 28 -14.78 -4.07 -6.51
CA GLU A 28 -14.05 -2.83 -6.24
C GLU A 28 -12.72 -3.15 -5.57
N ALA A 29 -11.63 -2.65 -6.14
CA ALA A 29 -10.31 -2.95 -5.62
C ALA A 29 -9.48 -1.70 -5.36
N LEU A 30 -8.68 -1.75 -4.30
CA LEU A 30 -7.79 -0.65 -3.94
C LEU A 30 -6.52 -0.69 -4.77
N LEU A 31 -6.20 0.42 -5.42
CA LEU A 31 -4.95 0.53 -6.16
C LEU A 31 -3.81 0.84 -5.19
N ASP A 32 -2.85 -0.10 -5.10
CA ASP A 32 -1.84 -0.05 -4.06
C ASP A 32 -0.43 -0.20 -4.61
N THR A 33 0.35 0.87 -4.53
CA THR A 33 1.74 0.84 -4.98
C THR A 33 2.66 0.25 -3.93
N GLY A 34 2.14 0.10 -2.71
CA GLY A 34 2.92 -0.47 -1.63
C GLY A 34 2.89 -1.98 -1.63
N ALA A 35 1.86 -2.54 -2.26
CA ALA A 35 1.70 -3.99 -2.33
C ALA A 35 2.53 -4.58 -3.47
N ASP A 36 3.23 -5.68 -3.19
CA ASP A 36 3.99 -6.38 -4.21
C ASP A 36 3.06 -7.24 -5.05
N MET A 37 2.23 -8.03 -4.38
CA MET A 37 1.34 -8.97 -5.05
C MET A 37 -0.10 -8.50 -4.94
N THR A 38 -0.93 -8.96 -5.87
CA THR A 38 -2.35 -8.60 -5.86
C THR A 38 -3.14 -9.49 -4.90
N VAL A 39 -4.00 -8.88 -4.11
CA VAL A 39 -4.84 -9.62 -3.17
C VAL A 39 -6.26 -9.77 -3.68
N ILE A 40 -6.76 -10.99 -3.74
CA ILE A 40 -8.10 -11.29 -4.24
C ILE A 40 -8.94 -11.94 -3.14
N PRO A 41 -10.17 -11.44 -2.95
CA PRO A 41 -11.09 -12.01 -1.95
C PRO A 41 -11.37 -13.48 -2.23
N ILE A 42 -11.46 -14.29 -1.17
CA ILE A 42 -11.71 -15.71 -1.31
C ILE A 42 -13.14 -15.99 -1.73
N ALA A 43 -13.98 -14.96 -1.70
CA ALA A 43 -15.38 -15.09 -2.06
C ALA A 43 -15.59 -15.27 -3.56
N LEU A 44 -14.53 -15.10 -4.33
CA LEU A 44 -14.60 -15.24 -5.78
C LEU A 44 -14.21 -16.63 -6.24
N PHE A 45 -13.62 -17.41 -5.33
CA PHE A 45 -13.17 -18.76 -5.65
C PHE A 45 -14.24 -19.79 -5.32
N SER A 46 -14.25 -20.90 -6.04
CA SER A 46 -15.17 -21.99 -5.74
C SER A 46 -14.72 -22.69 -4.47
N SER A 47 -15.66 -23.37 -3.81
CA SER A 47 -15.40 -23.95 -2.49
C SER A 47 -14.44 -25.13 -2.52
N ASN A 48 -14.25 -25.73 -3.70
CA ASN A 48 -13.50 -26.97 -3.79
C ASN A 48 -12.14 -26.87 -4.51
N THR A 49 -11.63 -25.65 -4.65
CA THR A 49 -10.33 -25.45 -5.28
C THR A 49 -9.21 -25.36 -4.25
N PRO A 50 -8.08 -26.05 -4.51
CA PRO A 50 -6.94 -26.05 -3.59
C PRO A 50 -6.18 -24.72 -3.63
N LEU A 51 -5.73 -24.27 -2.46
CA LEU A 51 -4.95 -23.04 -2.36
C LEU A 51 -3.70 -23.30 -1.53
N LYS A 52 -2.56 -22.80 -2.00
CA LYS A 52 -1.28 -23.04 -1.34
C LYS A 52 -1.13 -22.23 -0.05
N ASN A 53 -0.37 -22.78 0.89
CA ASN A 53 -0.09 -22.11 2.16
C ASN A 53 1.07 -21.13 2.04
N THR A 54 1.00 -20.03 2.80
CA THR A 54 2.07 -19.05 2.82
C THR A 54 1.91 -18.08 4.00
N SER A 55 2.88 -17.18 4.15
CA SER A 55 2.84 -16.18 5.21
C SER A 55 3.17 -14.79 4.68
N VAL A 56 2.39 -13.80 5.08
CA VAL A 56 2.55 -12.42 4.58
C VAL A 56 2.72 -11.42 5.73
N LEU A 57 3.64 -10.48 5.56
CA LEU A 57 3.90 -9.45 6.56
C LEU A 57 3.17 -8.15 6.23
N GLY A 58 2.60 -7.52 7.25
CA GLY A 58 1.89 -6.25 7.09
C GLY A 58 1.88 -5.43 8.37
N ALA A 59 0.90 -4.54 8.50
CA ALA A 59 0.81 -3.65 9.66
C ALA A 59 0.78 -4.41 10.98
N GLY A 60 -0.30 -5.14 11.23
CA GLY A 60 -0.44 -5.91 12.44
C GLY A 60 0.45 -7.15 12.45
N GLY A 61 1.74 -6.95 12.19
CA GLY A 61 2.69 -8.04 12.11
C GLY A 61 2.40 -8.96 10.95
N GLN A 62 3.06 -10.12 10.94
CA GLN A 62 2.84 -11.11 9.89
C GLN A 62 1.67 -12.03 10.25
N THR A 63 1.37 -12.97 9.36
CA THR A 63 0.28 -13.91 9.55
C THR A 63 0.43 -15.08 8.59
N GLN A 64 -0.14 -16.22 8.96
CA GLN A 64 -0.06 -17.42 8.13
C GLN A 64 -1.43 -18.07 7.94
N ASP A 65 -2.45 -17.50 8.55
CA ASP A 65 -3.81 -18.01 8.44
C ASP A 65 -4.71 -17.04 7.68
N HIS A 66 -4.23 -15.82 7.50
CA HIS A 66 -5.01 -14.76 6.87
C HIS A 66 -4.94 -14.85 5.36
N PHE A 67 -3.75 -15.09 4.82
CA PHE A 67 -3.55 -15.13 3.38
C PHE A 67 -3.16 -16.52 2.86
N LYS A 68 -3.67 -16.85 1.68
CA LYS A 68 -3.30 -18.08 1.00
C LYS A 68 -2.64 -17.75 -0.34
N LEU A 69 -2.53 -18.75 -1.21
CA LEU A 69 -1.88 -18.55 -2.50
C LEU A 69 -2.57 -19.36 -3.59
N THR A 70 -2.85 -18.72 -4.73
CA THR A 70 -3.58 -19.35 -5.82
C THR A 70 -2.81 -20.50 -6.47
N SER A 71 -3.55 -21.49 -6.94
CA SER A 71 -2.97 -22.62 -7.66
C SER A 71 -3.02 -22.34 -9.16
N LEU A 72 -3.98 -21.51 -9.55
CA LEU A 72 -4.17 -21.15 -10.95
C LEU A 72 -3.96 -19.66 -11.16
N PRO A 73 -3.56 -19.25 -12.36
CA PRO A 73 -3.40 -17.82 -12.68
C PRO A 73 -4.72 -17.07 -12.56
N VAL A 74 -4.63 -15.77 -12.26
CA VAL A 74 -5.82 -14.94 -12.15
C VAL A 74 -5.82 -13.85 -13.22
N LEU A 75 -6.92 -13.80 -13.98
CA LEU A 75 -7.05 -12.79 -15.04
C LEU A 75 -7.85 -11.59 -14.55
N ILE A 76 -7.31 -10.40 -14.77
CA ILE A 76 -7.96 -9.17 -14.31
C ILE A 76 -8.17 -8.19 -15.46
N ARG A 77 -9.42 -7.78 -15.66
CA ARG A 77 -9.75 -6.85 -16.72
C ARG A 77 -10.17 -5.48 -16.18
N LEU A 78 -9.71 -4.43 -16.85
CA LEU A 78 -10.00 -3.06 -16.45
C LEU A 78 -11.19 -2.52 -17.25
N PRO A 79 -11.95 -1.56 -16.67
CA PRO A 79 -13.21 -1.01 -17.17
C PRO A 79 -13.44 -1.07 -18.69
N PHE A 80 -12.67 -0.31 -19.46
CA PHE A 80 -12.87 -0.25 -20.90
C PHE A 80 -11.84 -1.06 -21.66
N ARG A 81 -10.75 -1.40 -20.99
CA ARG A 81 -9.71 -2.25 -21.57
C ARG A 81 -10.27 -3.66 -21.79
N THR A 82 -9.76 -4.35 -22.81
CA THR A 82 -10.32 -5.64 -23.20
C THR A 82 -9.37 -6.82 -23.01
N THR A 83 -8.07 -6.58 -23.14
CA THR A 83 -7.08 -7.62 -22.91
C THR A 83 -6.82 -7.74 -21.40
N PRO A 84 -6.83 -8.96 -20.88
CA PRO A 84 -6.74 -9.17 -19.43
C PRO A 84 -5.32 -9.10 -18.88
N ILE A 85 -5.19 -8.68 -17.63
CA ILE A 85 -3.93 -8.76 -16.91
C ILE A 85 -3.76 -10.19 -16.42
N VAL A 86 -2.64 -10.81 -16.76
CA VAL A 86 -2.40 -12.20 -16.38
C VAL A 86 -1.41 -12.31 -15.23
N LEU A 87 -1.91 -12.71 -14.06
CA LEU A 87 -1.08 -12.91 -12.90
C LEU A 87 -0.88 -14.40 -12.63
N THR A 88 0.36 -14.86 -12.75
CA THR A 88 0.71 -16.26 -12.54
C THR A 88 0.20 -16.76 -11.19
N SER A 89 0.39 -15.94 -10.16
CA SER A 89 -0.08 -16.25 -8.82
CA SER A 89 -0.08 -16.25 -8.82
C SER A 89 -0.33 -14.98 -8.03
N CYS A 90 -1.32 -15.01 -7.15
CA CYS A 90 -1.64 -13.84 -6.34
C CYS A 90 -2.15 -14.23 -4.96
N LEU A 91 -2.12 -13.29 -4.03
CA LEU A 91 -2.55 -13.55 -2.65
C LEU A 91 -4.07 -13.67 -2.55
N VAL A 92 -4.52 -14.44 -1.56
CA VAL A 92 -5.94 -14.64 -1.33
C VAL A 92 -6.31 -14.30 0.11
N ASP A 93 -7.21 -13.33 0.29
CA ASP A 93 -7.67 -12.98 1.63
C ASP A 93 -8.84 -13.87 2.03
N THR A 94 -8.64 -14.66 3.07
CA THR A 94 -9.63 -15.65 3.49
C THR A 94 -10.48 -15.15 4.65
N LYS A 95 -10.03 -14.10 5.31
CA LYS A 95 -10.74 -13.57 6.47
C LYS A 95 -11.65 -12.40 6.10
N ASN A 96 -11.06 -11.26 5.78
CA ASN A 96 -11.82 -10.05 5.49
C ASN A 96 -12.25 -9.94 4.03
N ASN A 97 -12.81 -8.79 3.68
CA ASN A 97 -13.18 -8.48 2.31
C ASN A 97 -12.14 -7.57 1.69
N TRP A 98 -11.10 -8.17 1.11
CA TRP A 98 -9.97 -7.39 0.60
C TRP A 98 -9.65 -7.63 -0.86
N ALA A 99 -9.80 -6.59 -1.67
CA ALA A 99 -9.40 -6.61 -3.06
C ALA A 99 -8.35 -5.54 -3.29
N ILE A 100 -7.12 -5.96 -3.55
CA ILE A 100 -6.00 -5.04 -3.66
C ILE A 100 -5.19 -5.26 -4.93
N ILE A 101 -5.22 -4.26 -5.83
CA ILE A 101 -4.40 -4.32 -7.04
C ILE A 101 -2.96 -3.93 -6.72
N GLY A 102 -2.07 -4.90 -6.78
CA GLY A 102 -0.67 -4.66 -6.47
C GLY A 102 0.15 -4.23 -7.67
N ARG A 103 1.46 -4.08 -7.47
CA ARG A 103 2.34 -3.62 -8.54
C ARG A 103 2.52 -4.67 -9.63
N ASP A 104 2.20 -5.92 -9.31
CA ASP A 104 2.31 -7.01 -10.29
C ASP A 104 1.33 -6.80 -11.43
N ALA A 105 0.12 -6.32 -11.10
CA ALA A 105 -0.88 -6.03 -12.11
C ALA A 105 -0.69 -4.63 -12.67
N LEU A 106 -0.17 -3.73 -11.83
CA LEU A 106 0.04 -2.34 -12.23
C LEU A 106 1.17 -2.19 -13.24
N GLN A 107 1.98 -3.23 -13.40
CA GLN A 107 3.07 -3.21 -14.37
C GLN A 107 2.57 -3.54 -15.76
N GLN A 108 1.71 -4.55 -15.86
CA GLN A 108 1.20 -5.00 -17.15
C GLN A 108 0.30 -3.96 -17.82
N CYS A 109 -0.33 -3.12 -17.01
CA CYS A 109 -1.22 -2.08 -17.54
C CYS A 109 -0.51 -0.73 -17.62
N GLN A 110 0.82 -0.76 -17.61
CA GLN A 110 1.65 0.43 -17.78
C GLN A 110 1.41 1.51 -16.73
N GLY A 111 0.97 1.11 -15.54
CA GLY A 111 0.69 2.05 -14.47
C GLY A 111 1.95 2.64 -13.87
N VAL A 112 1.93 3.95 -13.62
CA VAL A 112 3.07 4.65 -13.05
C VAL A 112 2.67 5.60 -11.92
N LEU A 113 3.66 6.06 -11.17
CA LEU A 113 3.43 7.03 -10.11
C LEU A 113 4.14 8.33 -10.46
N TYR A 114 3.38 9.41 -10.58
CA TYR A 114 3.95 10.70 -10.97
C TYR A 114 3.96 11.73 -9.85
N LEU A 115 5.12 12.35 -9.65
CA LEU A 115 5.27 13.40 -8.66
C LEU A 115 5.76 14.69 -9.32
N PRO A 116 4.92 15.73 -9.34
CA PRO A 116 5.25 17.01 -9.96
C PRO A 116 6.48 17.65 -9.33
N PRO B 1 9.18 13.17 -10.57
CA PRO B 1 9.59 12.23 -11.60
C PRO B 1 8.53 11.15 -11.83
N VAL B 2 8.63 10.44 -12.95
CA VAL B 2 7.72 9.34 -13.24
C VAL B 2 8.26 8.05 -12.65
N ILE B 3 7.61 7.55 -11.61
CA ILE B 3 8.04 6.32 -10.95
C ILE B 3 7.33 5.10 -11.54
N PRO B 4 8.10 4.22 -12.22
CA PRO B 4 7.55 2.99 -12.80
C PRO B 4 7.18 2.00 -11.71
N LEU B 5 6.22 1.12 -12.00
CA LEU B 5 5.76 0.14 -11.02
C LEU B 5 6.17 -1.27 -11.40
N ASP B 6 6.86 -1.94 -10.48
CA ASP B 6 7.38 -3.28 -10.71
C ASP B 6 7.28 -4.11 -9.44
N PRO B 7 6.67 -5.31 -9.53
CA PRO B 7 6.49 -6.20 -8.38
C PRO B 7 7.81 -6.62 -7.74
N ALA B 8 8.88 -6.66 -8.53
CA ALA B 8 10.17 -7.10 -8.04
C ALA B 8 11.01 -5.96 -7.46
N ARG B 9 10.55 -4.73 -7.67
CA ARG B 9 11.27 -3.56 -7.18
C ARG B 9 10.35 -2.53 -6.55
N ARG B 10 10.40 -2.44 -5.23
CA ARG B 10 9.57 -1.51 -4.46
C ARG B 10 9.88 -0.06 -4.83
N PRO B 11 8.83 0.77 -4.97
CA PRO B 11 9.00 2.19 -5.27
C PRO B 11 9.49 2.97 -4.05
N VAL B 12 10.77 2.80 -3.73
CA VAL B 12 11.37 3.48 -2.58
C VAL B 12 11.95 4.83 -2.99
N ILE B 13 12.08 5.73 -2.02
CA ILE B 13 12.61 7.06 -2.29
C ILE B 13 13.27 7.64 -1.03
N LYS B 14 14.32 8.42 -1.21
CA LYS B 14 15.02 9.06 -0.10
C LYS B 14 14.33 10.35 0.31
N ALA B 15 14.05 10.49 1.61
CA ALA B 15 13.37 11.67 2.12
C ALA B 15 13.94 12.12 3.47
N GLN B 16 14.02 13.42 3.67
CA GLN B 16 14.48 13.98 4.93
C GLN B 16 13.29 14.25 5.85
N VAL B 17 13.32 13.68 7.05
CA VAL B 17 12.20 13.78 7.97
C VAL B 17 12.57 14.53 9.25
N ASP B 18 11.77 15.54 9.59
CA ASP B 18 11.96 16.29 10.82
C ASP B 18 10.81 15.99 11.78
N THR B 19 11.13 15.35 12.89
CA THR B 19 10.12 15.01 13.89
C THR B 19 9.97 16.12 14.92
N GLN B 20 10.77 17.16 14.76
CA GLN B 20 10.77 18.32 15.66
C GLN B 20 11.12 17.99 17.11
N THR B 21 11.68 16.80 17.33
CA THR B 21 12.10 16.38 18.66
C THR B 21 13.59 16.07 18.68
N SER B 22 14.21 16.10 17.50
CA SER B 22 15.63 15.80 17.38
C SER B 22 16.20 16.29 16.06
N HIS B 23 17.42 15.86 15.77
CA HIS B 23 18.12 16.19 14.52
C HIS B 23 17.38 15.60 13.33
N PRO B 24 17.18 16.41 12.27
CA PRO B 24 16.52 15.96 11.04
C PRO B 24 17.33 14.87 10.34
N LYS B 25 16.66 13.80 9.91
CA LYS B 25 17.36 12.63 9.38
C LYS B 25 16.83 12.18 8.02
N THR B 26 17.68 11.42 7.31
CA THR B 26 17.34 10.90 5.99
C THR B 26 16.94 9.43 6.07
N ILE B 27 15.77 9.11 5.52
CA ILE B 27 15.30 7.73 5.48
C ILE B 27 14.88 7.34 4.07
N GLU B 28 14.82 6.03 3.82
CA GLU B 28 14.30 5.52 2.55
C GLU B 28 12.86 5.07 2.72
N ALA B 29 11.94 5.80 2.12
CA ALA B 29 10.51 5.54 2.32
C ALA B 29 9.84 4.87 1.12
N LEU B 30 8.83 4.06 1.40
CA LEU B 30 8.09 3.36 0.38
C LEU B 30 6.90 4.18 -0.10
N LEU B 31 6.87 4.50 -1.39
CA LEU B 31 5.73 5.18 -1.98
C LEU B 31 4.51 4.26 -1.98
N ASP B 32 3.56 4.57 -1.10
CA ASP B 32 2.41 3.69 -0.89
C ASP B 32 1.09 4.43 -1.08
N THR B 33 0.43 4.17 -2.20
CA THR B 33 -0.86 4.78 -2.49
C THR B 33 -2.00 4.09 -1.75
N GLY B 34 -1.68 2.98 -1.09
CA GLY B 34 -2.67 2.24 -0.33
C GLY B 34 -2.71 2.67 1.13
N ALA B 35 -1.74 3.50 1.51
CA ALA B 35 -1.66 3.97 2.89
C ALA B 35 -2.39 5.31 3.05
N ASP B 36 -3.33 5.34 3.99
CA ASP B 36 -4.07 6.56 4.28
C ASP B 36 -3.19 7.57 5.00
N MET B 37 -2.37 7.09 5.92
CA MET B 37 -1.50 7.94 6.71
C MET B 37 -0.04 7.49 6.60
N THR B 38 0.87 8.46 6.62
CA THR B 38 2.30 8.20 6.52
C THR B 38 2.82 7.54 7.79
N VAL B 39 3.73 6.56 7.62
CA VAL B 39 4.35 5.88 8.75
C VAL B 39 5.85 6.12 8.78
N ILE B 40 6.37 6.58 9.91
CA ILE B 40 7.80 6.81 10.08
C ILE B 40 8.35 5.96 11.23
N PRO B 41 9.62 5.56 11.14
CA PRO B 41 10.26 4.74 12.19
C PRO B 41 10.36 5.48 13.52
N ILE B 42 10.29 4.74 14.62
CA ILE B 42 10.44 5.32 15.96
C ILE B 42 11.91 5.63 16.23
N ALA B 43 12.78 5.14 15.36
CA ALA B 43 14.22 5.36 15.49
C ALA B 43 14.60 6.82 15.21
N LEU B 44 13.62 7.59 14.74
CA LEU B 44 13.84 9.01 14.46
C LEU B 44 13.62 9.87 15.71
N PHE B 45 12.64 9.48 16.51
CA PHE B 45 12.25 10.25 17.64
C PHE B 45 13.25 10.07 18.74
N SER B 46 13.46 11.14 19.50
CA SER B 46 14.27 11.06 20.68
C SER B 46 13.71 10.04 21.61
N SER B 47 14.46 9.79 22.67
CA SER B 47 14.08 8.78 23.62
C SER B 47 12.85 9.15 24.42
N ASN B 48 12.74 10.39 24.89
CA ASN B 48 11.56 10.74 25.69
C ASN B 48 10.28 10.74 24.88
N THR B 49 9.85 11.92 24.47
CA THR B 49 8.90 12.10 23.43
C THR B 49 7.52 11.55 23.43
N PRO B 50 6.61 12.22 24.25
CA PRO B 50 5.26 11.67 24.18
C PRO B 50 4.51 11.33 22.88
N LEU B 51 4.08 10.08 22.86
CA LEU B 51 3.37 9.53 21.71
C LEU B 51 2.03 8.97 22.14
N LYS B 52 1.02 9.12 21.29
CA LYS B 52 -0.33 8.68 21.63
C LYS B 52 -0.61 7.27 21.15
N ASN B 53 -1.40 6.53 21.94
CA ASN B 53 -1.83 5.19 21.55
C ASN B 53 -2.90 5.27 20.47
N THR B 54 -2.84 4.36 19.50
CA THR B 54 -3.81 4.35 18.40
C THR B 54 -4.00 2.96 17.81
N SER B 55 -5.05 2.81 17.02
CA SER B 55 -5.37 1.53 16.38
C SER B 55 -5.25 1.65 14.86
N VAL B 56 -4.56 0.68 14.24
CA VAL B 56 -4.30 0.72 12.81
C VAL B 56 -4.65 -0.61 12.14
N LEU B 57 -5.24 -0.55 10.96
CA LEU B 57 -5.59 -1.71 10.17
C LEU B 57 -4.59 -2.03 9.06
N GLY B 58 -4.30 -3.32 8.85
CA GLY B 58 -3.35 -3.77 7.84
C GLY B 58 -3.35 -5.28 7.72
N ALA B 59 -2.26 -5.85 7.21
CA ALA B 59 -2.09 -7.29 7.06
C ALA B 59 -2.82 -8.16 8.09
N GLY B 60 -2.13 -8.51 9.18
CA GLY B 60 -2.66 -9.35 10.23
C GLY B 60 -3.66 -8.59 11.06
N GLY B 61 -4.77 -8.25 10.44
CA GLY B 61 -5.91 -7.62 11.10
C GLY B 61 -5.56 -6.25 11.62
N GLN B 62 -6.16 -5.89 12.76
CA GLN B 62 -5.90 -4.60 13.39
C GLN B 62 -4.88 -4.77 14.51
N THR B 63 -4.14 -3.71 14.80
CA THR B 63 -3.10 -3.76 15.83
C THR B 63 -3.23 -2.62 16.84
N GLN B 64 -3.23 -2.97 18.13
CA GLN B 64 -3.38 -1.99 19.20
C GLN B 64 -2.03 -1.50 19.70
N ASP B 65 -0.97 -2.15 19.24
CA ASP B 65 0.35 -1.97 19.85
C ASP B 65 1.40 -1.40 18.90
N HIS B 66 1.41 -1.86 17.66
CA HIS B 66 2.47 -1.53 16.70
C HIS B 66 2.64 -0.03 16.48
N PHE B 67 1.55 0.66 16.19
CA PHE B 67 1.64 2.06 15.78
C PHE B 67 1.22 3.06 16.85
N LYS B 68 1.94 4.18 16.90
CA LYS B 68 1.61 5.29 17.78
C LYS B 68 1.37 6.52 16.93
N LEU B 69 0.81 7.57 17.55
CA LEU B 69 0.50 8.80 16.82
C LEU B 69 1.34 9.96 17.32
N THR B 70 1.88 10.75 16.40
CA THR B 70 2.69 11.91 16.76
C THR B 70 1.86 13.00 17.39
N SER B 71 2.41 13.68 18.39
CA SER B 71 1.75 14.80 19.02
C SER B 71 1.97 16.05 18.19
N LEU B 72 3.17 16.20 17.67
CA LEU B 72 3.55 17.36 16.87
C LEU B 72 3.57 17.01 15.38
N PRO B 73 3.39 18.02 14.51
CA PRO B 73 3.49 17.82 13.07
C PRO B 73 4.83 17.26 12.63
N VAL B 74 4.89 16.70 11.43
CA VAL B 74 6.11 16.10 10.92
C VAL B 74 6.51 16.72 9.58
N LEU B 75 7.68 17.37 9.56
CA LEU B 75 8.21 17.98 8.36
C LEU B 75 8.91 16.93 7.51
N ILE B 76 8.56 16.87 6.22
CA ILE B 76 9.16 15.90 5.31
C ILE B 76 9.66 16.58 4.04
N ARG B 77 10.93 16.34 3.71
CA ARG B 77 11.56 16.95 2.54
C ARG B 77 11.90 15.91 1.48
N LEU B 78 11.70 16.27 0.22
CA LEU B 78 11.96 15.37 -0.91
C LEU B 78 13.11 15.93 -1.75
N PRO B 79 13.80 15.04 -2.50
CA PRO B 79 14.95 15.45 -3.32
C PRO B 79 14.63 16.59 -4.30
N PHE B 80 13.52 16.49 -5.01
CA PHE B 80 13.16 17.49 -6.02
C PHE B 80 12.73 18.82 -5.40
N ARG B 81 11.49 18.90 -4.95
CA ARG B 81 10.94 20.13 -4.39
C ARG B 81 11.70 20.62 -3.16
N THR B 82 11.87 21.94 -3.08
CA THR B 82 12.61 22.55 -1.98
C THR B 82 11.74 22.75 -0.75
N THR B 83 10.46 23.02 -0.96
CA THR B 83 9.52 23.22 0.13
C THR B 83 9.14 21.88 0.78
N PRO B 84 9.07 21.85 2.12
CA PRO B 84 8.82 20.62 2.87
C PRO B 84 7.34 20.25 2.94
N ILE B 85 7.07 18.95 3.05
CA ILE B 85 5.71 18.47 3.27
C ILE B 85 5.38 18.52 4.76
N VAL B 86 4.28 19.18 5.09
CA VAL B 86 3.89 19.31 6.49
C VAL B 86 2.66 18.47 6.80
N LEU B 87 2.86 17.39 7.55
CA LEU B 87 1.77 16.55 8.00
C LEU B 87 1.39 16.96 9.42
N THR B 88 0.11 17.19 9.67
CA THR B 88 -0.36 17.57 10.99
C THR B 88 -0.01 16.50 12.01
N SER B 89 -0.13 15.25 11.59
CA SER B 89 0.26 14.10 12.40
C SER B 89 0.42 12.88 11.52
N CYS B 90 1.26 11.93 11.94
CA CYS B 90 1.44 10.70 11.20
C CYS B 90 1.74 9.54 12.14
N LEU B 91 1.71 8.32 11.60
CA LEU B 91 1.90 7.12 12.41
C LEU B 91 3.37 6.86 12.72
N VAL B 92 3.62 6.22 13.84
CA VAL B 92 4.97 5.85 14.25
C VAL B 92 5.06 4.36 14.52
N ASP B 93 5.90 3.68 13.75
CA ASP B 93 6.09 2.24 13.92
C ASP B 93 7.09 1.97 15.05
N THR B 94 6.63 1.27 16.08
CA THR B 94 7.46 0.99 17.25
C THR B 94 8.11 -0.39 17.17
N LYS B 95 7.35 -1.37 16.70
CA LYS B 95 7.85 -2.73 16.56
C LYS B 95 9.00 -2.77 15.57
N ASN B 96 8.68 -2.67 14.28
CA ASN B 96 9.69 -2.54 13.24
C ASN B 96 10.08 -1.08 13.08
N ASN B 97 10.63 -0.75 11.91
CA ASN B 97 10.99 0.63 11.63
C ASN B 97 10.72 0.99 10.17
N TRP B 98 9.47 0.83 9.76
CA TRP B 98 9.07 1.08 8.38
C TRP B 98 9.00 2.56 8.05
N ALA B 99 9.33 2.89 6.81
CA ALA B 99 9.17 4.25 6.29
C ALA B 99 8.21 4.20 5.11
N ILE B 100 7.01 4.74 5.30
CA ILE B 100 5.95 4.62 4.31
C ILE B 100 5.28 5.96 4.01
N ILE B 101 5.44 6.44 2.79
CA ILE B 101 4.78 7.68 2.37
C ILE B 101 3.34 7.40 1.95
N GLY B 102 2.40 7.86 2.75
CA GLY B 102 0.99 7.68 2.46
C GLY B 102 0.44 8.73 1.52
N ARG B 103 -0.87 8.70 1.31
CA ARG B 103 -1.51 9.66 0.41
C ARG B 103 -1.62 11.05 1.03
N ASP B 104 -1.45 11.13 2.35
CA ASP B 104 -1.45 12.41 3.05
C ASP B 104 -0.31 13.29 2.55
N ALA B 105 0.87 12.69 2.39
CA ALA B 105 2.03 13.41 1.91
C ALA B 105 2.00 13.54 0.39
N LEU B 106 1.49 12.52 -0.28
CA LEU B 106 1.44 12.50 -1.73
C LEU B 106 0.44 13.52 -2.28
N GLN B 107 -0.54 13.88 -1.46
CA GLN B 107 -1.52 14.91 -1.84
C GLN B 107 -0.87 16.29 -1.81
N GLN B 108 -0.09 16.56 -0.77
CA GLN B 108 0.52 17.86 -0.58
C GLN B 108 1.58 18.15 -1.64
N CYS B 109 2.14 17.11 -2.23
CA CYS B 109 3.08 17.28 -3.33
C CYS B 109 2.39 16.98 -4.66
N GLN B 110 1.05 16.88 -4.61
CA GLN B 110 0.22 16.71 -5.79
C GLN B 110 0.53 15.46 -6.59
N GLY B 111 0.89 14.37 -5.90
CA GLY B 111 1.16 13.11 -6.56
C GLY B 111 -0.10 12.48 -7.11
N VAL B 112 0.02 11.87 -8.29
CA VAL B 112 -1.13 11.21 -8.92
C VAL B 112 -0.79 9.80 -9.37
N LEU B 113 -1.82 8.99 -9.56
CA LEU B 113 -1.66 7.64 -10.10
C LEU B 113 -2.17 7.61 -11.53
N TYR B 114 -1.26 7.42 -12.48
CA TYR B 114 -1.64 7.42 -13.90
C TYR B 114 -1.77 6.02 -14.47
N LEU B 115 -2.96 5.73 -15.00
CA LEU B 115 -3.24 4.46 -15.66
C LEU B 115 -3.60 4.70 -17.11
N PRO B 116 -2.70 4.31 -18.04
CA PRO B 116 -2.93 4.50 -19.47
C PRO B 116 -4.19 3.79 -19.95
C1 4B1 C . -2.49 -3.66 2.28
C2 4B1 C . -0.40 -1.77 3.88
C3 4B1 C . -3.28 -2.77 2.96
C4 4B1 C . -0.14 -2.93 2.99
N1 4B1 C . -0.56 -1.09 1.66
C5 4B1 C . -0.85 -0.66 2.99
C6 4B1 C . 0.30 -2.24 1.76
N2 4B1 C . 0.68 -1.47 4.85
N3 4B1 C . -1.22 -3.96 2.89
S1 4B1 C . -1.01 -5.27 3.26
C7 4B1 C . -3.66 -2.98 4.24
C8 4B1 C . -3.73 -1.67 2.32
C9 4B1 C . -4.47 -2.10 4.88
C10 4B1 C . -4.51 -0.79 3.00
C11 4B1 C . -4.90 -0.98 4.27
C12 4B1 C . -0.23 -5.92 2.21
C13 4B1 C . -0.90 -6.27 1.07
C14 4B1 C . 1.11 -6.17 2.33
C15 4B1 C . -0.20 -6.88 0.10
C16 4B1 C . 1.78 -6.79 1.32
C17 4B1 C . 1.13 -7.16 0.19
N4 4B1 C . 1.75 -7.73 -0.80
O1 4B1 C . 1.08 -7.98 -2.00
O2 4B1 C . 3.10 -8.03 -0.68
C18 4B1 C . 2.01 -1.18 4.37
S2 4B1 C . 0.36 -1.34 6.11
C19 4B1 C . 2.77 -2.24 4.02
C20 4B1 C . 2.73 -3.39 4.73
C21 4B1 C . 3.60 -2.13 2.97
C22 4B1 C . 3.52 -4.45 4.42
C23 4B1 C . 4.41 -3.17 2.63
C24 4B1 C . 4.37 -4.34 3.36
C25 4B1 C . -0.53 -0.09 6.37
C26 4B1 C . -1.87 -0.27 6.50
C27 4B1 C . -0.03 1.19 6.48
C28 4B1 C . -2.69 0.79 6.74
C29 4B1 C . -0.85 2.26 6.68
C30 4B1 C . -2.20 2.07 6.80
O3 4B1 C . -0.39 -2.53 6.47
O4 4B1 C . 1.50 -1.26 7.05
O5 4B1 C . -0.29 -5.41 4.51
O6 4B1 C . -2.24 -6.09 3.43
N5 4B1 C . -3.03 3.05 7.00
O7 4B1 C . -2.56 4.33 6.98
O8 4B1 C . -4.37 2.82 7.33
S SO4 D . -17.23 13.36 -1.70
O1 SO4 D . -18.53 13.28 -2.37
O2 SO4 D . -16.18 13.57 -2.68
O3 SO4 D . -16.99 12.11 -0.97
O4 SO4 D . -17.25 14.47 -0.75
#